data_6TCT
#
_entry.id   6TCT
#
_cell.length_a   42.327
_cell.length_b   70.886
_cell.length_c   185.715
_cell.angle_alpha   90.000
_cell.angle_beta   90.000
_cell.angle_gamma   90.000
#
_symmetry.space_group_name_H-M   'P 21 21 21'
#
loop_
_entity.id
_entity.type
_entity.pdbx_description
1 polymer MakD
2 water water
#
_entity_poly.entity_id   1
_entity_poly.type   'polypeptide(L)'
_entity_poly.pdbx_seq_one_letter_code
;MKKIEILIVVDCAGALATTSLISNVYLIDSNQWLGSWDEGTCQLHTVSEDGQFICWRSCAISPDDEVNITGFYGDMIDQK
ACLPSPVNDAWEGRVQTRGDTGRYLYTISLSINGITMNFSPYLEVQ
;
_entity_poly.pdbx_strand_id   B,D,A,C
#
# COMPACT_ATOMS: atom_id res chain seq x y z
N LYS A 2 -17.87 5.22 -0.07
CA LYS A 2 -16.50 4.84 -0.48
C LYS A 2 -16.26 5.14 -1.95
N LYS A 3 -16.21 6.43 -2.27
CA LYS A 3 -16.19 6.89 -3.66
C LYS A 3 -14.78 7.20 -4.14
N ILE A 4 -14.47 6.74 -5.37
CA ILE A 4 -13.16 6.95 -6.00
C ILE A 4 -13.18 8.26 -6.77
N GLU A 5 -12.17 9.10 -6.57
CA GLU A 5 -12.04 10.32 -7.35
C GLU A 5 -10.75 10.26 -8.16
N ILE A 6 -10.85 10.57 -9.44
CA ILE A 6 -9.78 10.43 -10.41
C ILE A 6 -9.42 11.83 -10.91
N LEU A 7 -8.14 12.14 -10.95
CA LEU A 7 -7.67 13.38 -11.55
C LEU A 7 -6.92 13.05 -12.83
N ILE A 8 -7.39 13.63 -13.94
CA ILE A 8 -6.69 13.58 -15.22
C ILE A 8 -5.88 14.87 -15.33
N VAL A 9 -4.57 14.73 -15.43
CA VAL A 9 -3.65 15.85 -15.57
C VAL A 9 -3.11 15.84 -16.99
N VAL A 10 -3.18 16.98 -17.67
CA VAL A 10 -2.71 17.08 -19.05
C VAL A 10 -1.61 18.13 -19.14
N ASP A 11 -0.49 17.73 -19.72
CA ASP A 11 0.56 18.64 -20.18
C ASP A 11 0.07 19.26 -21.48
N CYS A 12 -0.52 20.45 -21.39
CA CYS A 12 -1.23 20.97 -22.57
C CYS A 12 -0.28 21.54 -23.61
N ALA A 13 0.86 22.09 -23.17
CA ALA A 13 1.89 22.49 -24.11
C ALA A 13 2.39 21.30 -24.91
N GLY A 14 2.71 20.20 -24.22
CA GLY A 14 3.18 19.01 -24.89
C GLY A 14 2.12 18.40 -25.79
N ALA A 15 0.90 18.28 -25.28
CA ALA A 15 -0.17 17.66 -26.07
C ALA A 15 -0.45 18.46 -27.34
N LEU A 16 -0.47 19.80 -27.25
CA LEU A 16 -0.77 20.59 -28.43
C LEU A 16 0.39 20.60 -29.42
N ALA A 17 1.63 20.53 -28.91
CA ALA A 17 2.78 20.51 -29.81
C ALA A 17 2.84 19.21 -30.59
N THR A 18 2.45 18.08 -29.97
CA THR A 18 2.58 16.79 -30.65
C THR A 18 1.28 16.25 -31.22
N THR A 19 0.15 16.90 -30.97
CA THR A 19 -1.17 16.38 -31.35
C THR A 19 -1.37 14.95 -30.83
N SER A 20 -0.84 14.67 -29.64
CA SER A 20 -1.16 13.38 -29.02
C SER A 20 -1.02 13.52 -27.50
N LEU A 21 -1.90 12.82 -26.80
CA LEU A 21 -1.83 12.80 -25.35
C LEU A 21 -0.75 11.84 -24.83
N ILE A 22 -0.13 11.04 -25.71
CA ILE A 22 0.90 10.13 -25.23
C ILE A 22 2.05 10.97 -24.67
N SER A 23 2.54 10.57 -23.51
CA SER A 23 3.54 11.28 -22.70
C SER A 23 3.02 12.61 -22.15
N ASN A 24 1.74 12.93 -22.32
CA ASN A 24 1.21 14.22 -21.86
C ASN A 24 -0.03 14.08 -20.99
N VAL A 25 -0.42 12.88 -20.58
CA VAL A 25 -1.63 12.69 -19.78
C VAL A 25 -1.30 11.75 -18.63
N TYR A 26 -1.87 12.06 -17.46
CA TYR A 26 -1.59 11.31 -16.24
C TYR A 26 -2.92 11.07 -15.53
N LEU A 27 -2.99 9.95 -14.83
CA LEU A 27 -4.10 9.68 -13.90
C LEU A 27 -3.56 9.65 -12.49
N ILE A 28 -4.25 10.32 -11.57
CA ILE A 28 -4.03 10.15 -10.15
C ILE A 28 -5.39 10.00 -9.49
N ASP A 29 -5.56 8.96 -8.66
CA ASP A 29 -6.86 8.75 -8.02
C ASP A 29 -6.73 8.60 -6.50
N SER A 30 -7.88 8.60 -5.82
CA SER A 30 -7.91 8.59 -4.36
C SER A 30 -7.63 7.22 -3.76
N ASN A 31 -7.39 6.20 -4.58
CA ASN A 31 -6.82 4.95 -4.08
C ASN A 31 -5.30 4.95 -4.18
N GLN A 32 -4.68 6.10 -4.44
CA GLN A 32 -3.24 6.29 -4.54
C GLN A 32 -2.65 5.58 -5.75
N TRP A 33 -3.46 5.30 -6.77
CA TRP A 33 -2.91 4.82 -8.02
C TRP A 33 -2.42 6.00 -8.84
N LEU A 34 -1.26 5.85 -9.46
CA LEU A 34 -0.66 6.93 -10.22
C LEU A 34 -0.11 6.35 -11.51
N GLY A 35 -0.29 7.06 -12.61
CA GLY A 35 0.04 6.47 -13.88
C GLY A 35 0.32 7.50 -14.93
N SER A 36 1.18 7.14 -15.87
N SER A 36 1.23 7.16 -15.83
CA SER A 36 1.52 7.94 -17.03
CA SER A 36 1.55 7.89 -17.03
C SER A 36 1.52 7.03 -18.26
C SER A 36 1.22 7.00 -18.22
N TRP A 37 1.19 7.59 -19.41
CA TRP A 37 1.10 6.82 -20.64
C TRP A 37 2.24 7.31 -21.53
N ASP A 38 3.33 6.54 -21.56
CA ASP A 38 4.57 6.90 -22.25
C ASP A 38 4.79 6.14 -23.54
N GLU A 39 4.38 4.87 -23.60
CA GLU A 39 4.76 3.96 -24.66
C GLU A 39 3.57 3.08 -25.01
N GLY A 40 3.59 2.54 -26.23
CA GLY A 40 2.57 1.58 -26.55
C GLY A 40 1.16 2.18 -26.51
N THR A 41 0.22 1.27 -26.31
CA THR A 41 -1.19 1.56 -26.10
C THR A 41 -1.41 2.02 -24.67
N CYS A 42 -2.39 2.91 -24.46
CA CYS A 42 -2.63 3.47 -23.13
C CYS A 42 -3.06 2.39 -22.15
N GLN A 43 -2.41 2.36 -20.98
CA GLN A 43 -2.75 1.38 -19.95
C GLN A 43 -3.27 2.04 -18.68
N LEU A 44 -3.46 3.36 -18.69
CA LEU A 44 -4.03 4.03 -17.53
C LEU A 44 -5.36 3.37 -17.17
N HIS A 45 -5.61 3.21 -15.87
CA HIS A 45 -6.80 2.49 -15.46
C HIS A 45 -7.15 2.81 -14.02
N THR A 46 -8.35 2.35 -13.64
CA THR A 46 -8.92 2.53 -12.31
C THR A 46 -9.49 1.19 -11.87
N VAL A 47 -9.22 0.83 -10.62
CA VAL A 47 -9.74 -0.40 -10.04
C VAL A 47 -10.94 -0.03 -9.18
N SER A 48 -12.04 -0.75 -9.36
CA SER A 48 -13.28 -0.45 -8.67
C SER A 48 -14.06 -1.72 -8.39
N GLU A 49 -15.24 -1.53 -7.79
CA GLU A 49 -16.18 -2.60 -7.53
C GLU A 49 -17.60 -2.08 -7.77
N ASP A 50 -18.53 -3.03 -7.92
CA ASP A 50 -19.92 -2.70 -8.20
C ASP A 50 -20.51 -1.78 -7.13
N GLY A 51 -21.24 -0.75 -7.58
CA GLY A 51 -21.92 0.14 -6.67
C GLY A 51 -21.11 1.31 -6.20
N GLN A 52 -19.80 1.32 -6.48
CA GLN A 52 -18.93 2.38 -6.03
C GLN A 52 -19.17 3.63 -6.89
N PHE A 53 -19.25 4.79 -6.23
CA PHE A 53 -19.36 6.05 -6.94
C PHE A 53 -17.98 6.43 -7.48
N ILE A 54 -17.93 6.89 -8.73
CA ILE A 54 -16.67 7.31 -9.33
C ILE A 54 -16.81 8.74 -9.82
N CYS A 55 -15.76 9.52 -9.66
CA CYS A 55 -15.72 10.94 -10.03
C CYS A 55 -14.48 11.20 -10.86
N TRP A 56 -14.66 11.83 -12.03
CA TRP A 56 -13.57 12.24 -12.92
C TRP A 56 -13.49 13.77 -12.99
N ARG A 57 -12.29 14.32 -12.91
CA ARG A 57 -12.13 15.74 -13.20
C ARG A 57 -10.78 15.94 -13.86
N SER A 58 -10.63 17.07 -14.57
CA SER A 58 -9.43 17.29 -15.37
C SER A 58 -8.82 18.65 -15.07
N CYS A 59 -7.49 18.73 -15.11
CA CYS A 59 -6.82 20.00 -14.92
C CYS A 59 -5.59 20.02 -15.82
N ALA A 60 -5.08 21.22 -16.06
CA ALA A 60 -3.78 21.39 -16.70
C ALA A 60 -2.66 21.54 -15.68
N ILE A 61 -1.44 21.30 -16.15
CA ILE A 61 -0.26 21.64 -15.37
C ILE A 61 -0.14 23.16 -15.24
N SER A 62 -0.20 23.86 -16.35
CA SER A 62 0.03 25.30 -16.30
C SER A 62 -1.21 25.99 -15.75
N PRO A 63 -1.05 27.08 -14.99
CA PRO A 63 -2.23 27.86 -14.59
C PRO A 63 -2.89 28.57 -15.76
N ASP A 64 -2.24 28.63 -16.93
CA ASP A 64 -2.77 29.39 -18.06
C ASP A 64 -3.68 28.59 -18.96
N ASP A 65 -3.67 27.26 -18.88
CA ASP A 65 -4.40 26.38 -19.78
C ASP A 65 -5.74 25.95 -19.18
N GLU A 66 -6.60 25.40 -20.02
CA GLU A 66 -7.89 24.88 -19.60
C GLU A 66 -8.10 23.50 -20.19
N VAL A 67 -8.47 22.55 -19.33
CA VAL A 67 -8.75 21.17 -19.73
C VAL A 67 -10.10 20.78 -19.16
N ASN A 68 -11.02 20.40 -20.04
CA ASN A 68 -12.34 19.94 -19.66
C ASN A 68 -12.61 18.58 -20.28
N ILE A 69 -13.30 17.73 -19.54
CA ILE A 69 -13.79 16.47 -20.09
C ILE A 69 -15.06 16.78 -20.88
N THR A 70 -15.09 16.37 -22.14
CA THR A 70 -16.27 16.59 -22.96
C THR A 70 -17.09 15.35 -23.23
N GLY A 71 -16.58 14.16 -22.96
CA GLY A 71 -17.44 13.00 -23.18
C GLY A 71 -16.73 11.71 -22.83
N PHE A 72 -17.53 10.65 -22.74
CA PHE A 72 -17.09 9.27 -22.51
C PHE A 72 -17.73 8.38 -23.57
N TYR A 73 -16.98 7.43 -24.11
CA TYR A 73 -17.45 6.52 -25.16
C TYR A 73 -16.79 5.17 -24.95
N GLY A 74 -17.31 4.16 -25.63
CA GLY A 74 -16.64 2.88 -25.69
C GLY A 74 -17.33 1.81 -24.85
N ASP A 75 -16.57 0.73 -24.62
CA ASP A 75 -17.16 -0.47 -24.01
C ASP A 75 -17.80 -0.15 -22.67
N MET A 76 -17.13 0.63 -21.83
CA MET A 76 -17.70 0.94 -20.52
C MET A 76 -19.07 1.59 -20.64
N ILE A 77 -19.25 2.42 -21.66
CA ILE A 77 -20.54 3.07 -21.88
C ILE A 77 -21.49 2.12 -22.57
N ASP A 78 -21.04 1.53 -23.68
CA ASP A 78 -21.91 0.64 -24.45
C ASP A 78 -22.40 -0.53 -23.62
N GLN A 79 -21.52 -1.15 -22.83
CA GLN A 79 -22.00 -2.24 -21.98
C GLN A 79 -22.61 -1.77 -20.66
N LYS A 80 -22.75 -0.46 -20.45
CA LYS A 80 -23.52 0.09 -19.32
C LYS A 80 -22.94 -0.32 -17.97
N ALA A 81 -21.62 -0.46 -17.90
CA ALA A 81 -20.93 -0.74 -16.64
C ALA A 81 -20.80 0.50 -15.78
N CYS A 82 -20.72 1.68 -16.40
CA CYS A 82 -20.62 2.96 -15.70
C CYS A 82 -20.93 4.10 -16.67
N LEU A 83 -21.83 5.01 -16.28
CA LEU A 83 -22.40 6.02 -17.18
C LEU A 83 -22.23 7.40 -16.56
N PRO A 84 -21.06 8.03 -16.72
CA PRO A 84 -20.82 9.31 -16.06
C PRO A 84 -21.71 10.42 -16.60
N SER A 85 -22.05 11.36 -15.72
CA SER A 85 -22.80 12.54 -16.13
C SER A 85 -22.08 13.79 -15.65
N PRO A 86 -22.21 14.92 -16.35
CA PRO A 86 -21.50 16.13 -15.93
C PRO A 86 -22.17 16.73 -14.69
N VAL A 87 -21.34 17.14 -13.73
CA VAL A 87 -21.84 17.84 -12.54
C VAL A 87 -20.85 18.97 -12.24
N ASN A 88 -21.27 20.20 -12.51
CA ASN A 88 -20.39 21.36 -12.41
C ASN A 88 -19.13 21.11 -13.23
N ASP A 89 -17.97 21.17 -12.59
CA ASP A 89 -16.71 20.96 -13.31
C ASP A 89 -16.18 19.54 -13.13
N ALA A 90 -17.03 18.51 -13.23
CA ALA A 90 -16.58 17.13 -13.11
C ALA A 90 -17.65 16.23 -13.70
N TRP A 91 -17.31 14.94 -13.81
CA TRP A 91 -18.23 13.94 -14.32
C TRP A 91 -18.33 12.83 -13.30
N GLU A 92 -19.55 12.40 -13.00
CA GLU A 92 -19.71 11.42 -11.94
C GLU A 92 -20.58 10.27 -12.41
N GLY A 93 -20.21 9.06 -11.97
CA GLY A 93 -20.96 7.88 -12.33
C GLY A 93 -20.84 6.87 -11.21
N ARG A 94 -21.64 5.82 -11.31
CA ARG A 94 -21.60 4.76 -10.33
C ARG A 94 -21.40 3.44 -11.06
N VAL A 95 -20.51 2.61 -10.53
CA VAL A 95 -20.24 1.32 -11.17
C VAL A 95 -21.48 0.45 -11.00
N GLN A 96 -22.18 0.22 -12.10
CA GLN A 96 -23.38 -0.60 -12.13
C GLN A 96 -23.12 -1.87 -12.95
N THR A 97 -22.28 -2.75 -12.42
CA THR A 97 -21.97 -4.00 -13.10
C THR A 97 -22.85 -5.13 -12.65
N ARG A 98 -23.24 -5.15 -11.37
CA ARG A 98 -24.24 -6.10 -10.91
C ARG A 98 -23.75 -7.55 -10.96
N GLY A 99 -22.51 -7.76 -10.54
CA GLY A 99 -21.93 -9.06 -10.43
C GLY A 99 -20.92 -9.32 -11.51
N ASP A 100 -20.92 -8.52 -12.56
CA ASP A 100 -19.90 -8.63 -13.58
C ASP A 100 -18.59 -8.06 -13.06
N THR A 101 -17.49 -8.74 -13.43
CA THR A 101 -16.11 -8.32 -13.17
C THR A 101 -15.38 -8.28 -14.51
N GLY A 102 -14.20 -7.67 -14.51
CA GLY A 102 -13.36 -7.65 -15.72
C GLY A 102 -12.91 -6.27 -16.10
N ARG A 103 -12.17 -6.18 -17.20
CA ARG A 103 -11.63 -4.92 -17.73
C ARG A 103 -12.61 -4.34 -18.74
N TYR A 104 -12.99 -3.08 -18.55
CA TYR A 104 -13.88 -2.38 -19.51
C TYR A 104 -13.10 -1.21 -20.09
N LEU A 105 -12.82 -1.31 -21.37
CA LEU A 105 -12.14 -0.25 -22.12
C LEU A 105 -13.09 0.92 -22.32
N TYR A 106 -12.55 2.12 -22.39
CA TYR A 106 -13.38 3.30 -22.70
C TYR A 106 -12.49 4.41 -23.24
N THR A 107 -13.11 5.46 -23.72
CA THR A 107 -12.36 6.59 -24.26
C THR A 107 -12.91 7.86 -23.65
N ILE A 108 -12.01 8.71 -23.21
CA ILE A 108 -12.39 10.00 -22.68
C ILE A 108 -11.98 11.04 -23.71
N SER A 109 -12.92 11.87 -24.11
CA SER A 109 -12.60 13.03 -24.94
C SER A 109 -12.42 14.24 -24.04
N LEU A 110 -11.34 14.97 -24.27
CA LEU A 110 -11.02 16.19 -23.56
C LEU A 110 -10.94 17.34 -24.54
N SER A 111 -11.29 18.53 -24.05
CA SER A 111 -11.04 19.77 -24.76
C SER A 111 -9.85 20.42 -24.08
N ILE A 112 -8.78 20.64 -24.86
CA ILE A 112 -7.51 21.15 -24.36
C ILE A 112 -7.32 22.52 -25.01
N ASN A 113 -7.64 23.58 -24.24
CA ASN A 113 -7.69 24.94 -24.78
C ASN A 113 -8.57 25.00 -26.02
N GLY A 114 -9.70 24.28 -26.00
CA GLY A 114 -10.61 24.28 -27.13
C GLY A 114 -10.37 23.17 -28.15
N ILE A 115 -9.22 22.51 -28.11
CA ILE A 115 -8.87 21.43 -29.03
C ILE A 115 -9.30 20.10 -28.46
N THR A 116 -10.09 19.34 -29.22
CA THR A 116 -10.55 18.04 -28.74
C THR A 116 -9.45 16.98 -28.96
N MET A 117 -9.08 16.29 -27.88
CA MET A 117 -8.15 15.17 -27.89
C MET A 117 -8.71 14.07 -27.01
N ASN A 118 -8.33 12.82 -27.28
CA ASN A 118 -8.83 11.72 -26.48
C ASN A 118 -7.70 10.82 -26.00
N PHE A 119 -8.00 10.05 -24.97
CA PHE A 119 -7.17 8.90 -24.60
C PHE A 119 -8.09 7.81 -24.09
N SER A 120 -7.59 6.57 -24.09
CA SER A 120 -8.45 5.41 -23.83
C SER A 120 -7.90 4.61 -22.64
N PRO A 121 -8.31 4.95 -21.43
CA PRO A 121 -7.94 4.14 -20.28
C PRO A 121 -8.92 2.98 -20.13
N TYR A 122 -8.89 2.26 -19.00
CA TYR A 122 -9.90 1.25 -18.77
C TYR A 122 -10.32 1.23 -17.31
N LEU A 123 -11.53 0.71 -17.09
CA LEU A 123 -12.06 0.52 -15.75
C LEU A 123 -11.94 -0.96 -15.43
N GLU A 124 -11.19 -1.28 -14.38
CA GLU A 124 -11.10 -2.66 -13.90
C GLU A 124 -12.01 -2.79 -12.68
N VAL A 125 -12.98 -3.69 -12.76
CA VAL A 125 -13.92 -3.94 -11.69
C VAL A 125 -13.64 -5.32 -11.14
N GLN A 126 -13.45 -5.41 -9.81
CA GLN A 126 -13.16 -6.69 -9.14
C GLN A 126 -14.30 -7.01 -8.19
N LYS B 2 11.91 28.85 -22.02
CA LYS B 2 11.66 27.52 -21.44
C LYS B 2 11.24 27.64 -19.99
N LYS B 3 9.95 27.82 -19.76
CA LYS B 3 9.43 28.03 -18.42
C LYS B 3 8.94 26.69 -17.89
N ILE B 4 9.36 26.35 -16.67
CA ILE B 4 8.95 25.11 -16.02
C ILE B 4 7.68 25.38 -15.22
N GLU B 5 6.66 24.57 -15.45
CA GLU B 5 5.42 24.64 -14.69
C GLU B 5 5.29 23.34 -13.92
N ILE B 6 5.02 23.46 -12.62
CA ILE B 6 4.93 22.35 -11.69
C ILE B 6 3.51 22.33 -11.15
N LEU B 7 2.91 21.13 -11.12
CA LEU B 7 1.62 20.91 -10.48
C LEU B 7 1.80 20.06 -9.22
N ILE B 8 1.37 20.58 -8.08
CA ILE B 8 1.29 19.83 -6.83
C ILE B 8 -0.13 19.29 -6.69
N VAL B 9 -0.25 17.96 -6.68
CA VAL B 9 -1.54 17.30 -6.52
C VAL B 9 -1.61 16.72 -5.11
N VAL B 10 -2.70 17.01 -4.41
CA VAL B 10 -2.87 16.54 -3.04
C VAL B 10 -4.13 15.70 -2.98
N ASP B 11 -3.98 14.46 -2.51
CA ASP B 11 -5.10 13.63 -2.12
C ASP B 11 -5.60 14.15 -0.77
N CYS B 12 -6.60 15.04 -0.78
CA CYS B 12 -6.90 15.73 0.46
C CYS B 12 -7.62 14.84 1.46
N ALA B 13 -8.36 13.81 1.00
CA ALA B 13 -8.92 12.83 1.93
C ALA B 13 -7.82 12.11 2.69
N GLY B 14 -6.81 11.59 1.99
CA GLY B 14 -5.72 10.91 2.66
C GLY B 14 -4.94 11.83 3.56
N ALA B 15 -4.65 13.05 3.07
CA ALA B 15 -3.82 13.96 3.84
C ALA B 15 -4.47 14.29 5.19
N LEU B 16 -5.78 14.61 5.18
CA LEU B 16 -6.46 14.98 6.41
C LEU B 16 -6.71 13.78 7.32
N ALA B 17 -6.88 12.59 6.74
CA ALA B 17 -7.12 11.40 7.56
C ALA B 17 -5.86 11.00 8.33
N THR B 18 -4.68 11.13 7.72
CA THR B 18 -3.41 10.72 8.33
C THR B 18 -2.60 11.87 8.89
N THR B 19 -3.07 13.12 8.69
CA THR B 19 -2.34 14.34 9.07
C THR B 19 -0.90 14.33 8.55
N SER B 20 -0.69 13.78 7.37
CA SER B 20 0.62 13.87 6.73
C SER B 20 0.43 13.82 5.21
N LEU B 21 1.26 14.57 4.50
CA LEU B 21 1.24 14.58 3.05
C LEU B 21 1.94 13.35 2.47
N ILE B 22 2.62 12.56 3.31
CA ILE B 22 3.32 11.40 2.79
C ILE B 22 2.32 10.43 2.21
N SER B 23 2.64 9.92 1.02
CA SER B 23 1.79 9.07 0.20
C SER B 23 0.52 9.79 -0.26
N ASN B 24 0.41 11.10 -0.02
CA ASN B 24 -0.76 11.85 -0.41
C ASN B 24 -0.44 13.06 -1.30
N VAL B 25 0.79 13.22 -1.76
CA VAL B 25 1.19 14.38 -2.53
C VAL B 25 2.00 13.91 -3.72
N TYR B 26 1.80 14.59 -4.85
CA TYR B 26 2.44 14.22 -6.10
C TYR B 26 2.95 15.49 -6.78
N LEU B 27 4.05 15.36 -7.51
CA LEU B 27 4.51 16.42 -8.39
C LEU B 27 4.41 15.92 -9.82
N ILE B 28 3.89 16.76 -10.71
CA ILE B 28 3.97 16.56 -12.16
C ILE B 28 4.41 17.88 -12.77
N ASP B 29 5.39 17.84 -13.67
CA ASP B 29 5.83 19.09 -14.25
C ASP B 29 5.91 19.02 -15.77
N SER B 30 6.12 20.20 -16.37
CA SER B 30 6.07 20.36 -17.82
C SER B 30 7.32 19.86 -18.52
N ASN B 31 8.32 19.38 -17.78
CA ASN B 31 9.41 18.61 -18.35
C ASN B 31 9.13 17.12 -18.33
N GLN B 32 7.88 16.72 -18.04
CA GLN B 32 7.44 15.33 -17.98
C GLN B 32 8.04 14.57 -16.80
N TRP B 33 8.43 15.28 -15.75
CA TRP B 33 8.79 14.59 -14.52
C TRP B 33 7.54 14.31 -13.71
N LEU B 34 7.49 13.10 -13.13
CA LEU B 34 6.35 12.67 -12.35
C LEU B 34 6.88 11.96 -11.11
N GLY B 35 6.25 12.19 -9.97
CA GLY B 35 6.75 11.62 -8.75
C GLY B 35 5.70 11.58 -7.65
N SER B 36 5.90 10.65 -6.73
CA SER B 36 5.11 10.55 -5.51
C SER B 36 6.05 10.39 -4.33
N TRP B 37 5.54 10.58 -3.12
CA TRP B 37 6.35 10.47 -1.89
C TRP B 37 5.69 9.43 -0.98
N ASP B 38 6.22 8.21 -0.96
CA ASP B 38 5.59 7.13 -0.19
C ASP B 38 6.29 6.84 1.13
N GLU B 39 7.62 6.83 1.16
CA GLU B 39 8.30 6.48 2.40
C GLU B 39 9.60 7.27 2.50
N GLY B 40 10.11 7.32 3.73
CA GLY B 40 11.35 7.97 4.05
C GLY B 40 11.20 9.48 3.84
N THR B 41 12.34 10.14 3.66
CA THR B 41 12.31 11.57 3.39
C THR B 41 11.89 11.85 1.95
N CYS B 42 11.23 12.98 1.78
CA CYS B 42 10.70 13.36 0.48
C CYS B 42 11.83 13.53 -0.53
N GLN B 43 11.66 12.90 -1.68
CA GLN B 43 12.60 12.99 -2.78
C GLN B 43 11.99 13.69 -3.99
N LEU B 44 10.75 14.18 -3.88
CA LEU B 44 10.14 14.96 -4.94
C LEU B 44 11.03 16.13 -5.30
N HIS B 45 11.18 16.40 -6.59
CA HIS B 45 12.09 17.47 -6.95
C HIS B 45 11.80 17.94 -8.37
N THR B 46 12.48 19.03 -8.74
CA THR B 46 12.38 19.69 -10.03
C THR B 46 13.79 19.97 -10.51
N VAL B 47 14.05 19.67 -11.77
CA VAL B 47 15.35 19.94 -12.39
C VAL B 47 15.25 21.22 -13.22
N SER B 48 16.18 22.15 -13.00
CA SER B 48 16.17 23.39 -13.75
C SER B 48 17.60 23.86 -13.94
N GLU B 49 17.74 25.01 -14.58
CA GLU B 49 19.06 25.60 -14.78
C GLU B 49 18.97 27.08 -14.49
N ASP B 50 20.15 27.68 -14.31
CA ASP B 50 20.30 29.08 -13.95
C ASP B 50 19.54 29.98 -14.92
N GLY B 51 18.79 30.93 -14.38
CA GLY B 51 18.05 31.89 -15.19
C GLY B 51 16.65 31.46 -15.62
N GLN B 52 16.28 30.20 -15.37
CA GLN B 52 14.99 29.66 -15.80
C GLN B 52 13.85 30.12 -14.90
N PHE B 53 12.71 30.44 -15.51
CA PHE B 53 11.51 30.75 -14.73
C PHE B 53 10.81 29.47 -14.30
N ILE B 54 10.36 29.44 -13.05
CA ILE B 54 9.64 28.30 -12.48
C ILE B 54 8.31 28.80 -11.95
N CYS B 55 7.27 28.01 -12.19
CA CYS B 55 5.92 28.30 -11.75
C CYS B 55 5.38 27.09 -11.00
N TRP B 56 4.82 27.32 -9.80
CA TRP B 56 4.18 26.29 -8.97
C TRP B 56 2.69 26.56 -8.86
N ARG B 57 1.88 25.51 -8.95
CA ARG B 57 0.47 25.64 -8.58
C ARG B 57 0.01 24.33 -7.95
N SER B 58 -1.10 24.39 -7.23
CA SER B 58 -1.57 23.23 -6.49
C SER B 58 -3.04 22.99 -6.76
N CYS B 59 -3.41 21.71 -6.75
CA CYS B 59 -4.81 21.35 -6.92
C CYS B 59 -5.09 20.09 -6.12
N ALA B 60 -6.37 19.85 -5.84
CA ALA B 60 -6.81 18.60 -5.23
C ALA B 60 -7.25 17.55 -6.23
N ILE B 61 -7.28 16.30 -5.76
CA ILE B 61 -7.88 15.23 -6.56
C ILE B 61 -9.38 15.44 -6.70
N SER B 62 -10.05 15.67 -5.59
CA SER B 62 -11.51 15.81 -5.57
C SER B 62 -11.91 17.17 -6.11
N PRO B 63 -13.02 17.25 -6.86
CA PRO B 63 -13.53 18.58 -7.27
C PRO B 63 -14.07 19.38 -6.09
N ASP B 64 -14.29 18.75 -4.94
CA ASP B 64 -14.86 19.41 -3.78
C ASP B 64 -13.83 20.05 -2.87
N ASP B 65 -12.53 19.72 -2.99
CA ASP B 65 -11.50 20.18 -2.07
C ASP B 65 -10.78 21.42 -2.61
N GLU B 66 -10.07 22.10 -1.72
CA GLU B 66 -9.34 23.31 -2.09
C GLU B 66 -7.93 23.24 -1.53
N VAL B 67 -6.94 23.46 -2.40
CA VAL B 67 -5.52 23.41 -2.03
C VAL B 67 -4.85 24.68 -2.51
N ASN B 68 -4.27 25.44 -1.60
CA ASN B 68 -3.50 26.63 -1.95
C ASN B 68 -2.09 26.52 -1.41
N ILE B 69 -1.14 27.05 -2.17
CA ILE B 69 0.23 27.23 -1.70
C ILE B 69 0.26 28.50 -0.87
N THR B 70 0.69 28.40 0.38
CA THR B 70 0.72 29.54 1.28
C THR B 70 2.11 30.09 1.56
N GLY B 71 3.18 29.36 1.24
CA GLY B 71 4.51 29.91 1.47
C GLY B 71 5.59 28.92 1.08
N PHE B 72 6.80 29.47 0.96
CA PHE B 72 8.03 28.73 0.65
C PHE B 72 9.07 29.09 1.70
N TYR B 73 9.83 28.10 2.16
CA TYR B 73 10.84 28.31 3.19
C TYR B 73 12.02 27.42 2.90
N GLY B 74 13.13 27.71 3.56
CA GLY B 74 14.25 26.80 3.53
C GLY B 74 15.38 27.29 2.65
N ASP B 75 16.27 26.35 2.32
CA ASP B 75 17.53 26.69 1.68
C ASP B 75 17.33 27.43 0.36
N MET B 76 16.37 26.99 -0.46
CA MET B 76 16.13 27.65 -1.74
C MET B 76 15.85 29.12 -1.55
N ILE B 77 15.14 29.47 -0.48
CA ILE B 77 14.84 30.87 -0.17
C ILE B 77 16.03 31.53 0.52
N ASP B 78 16.58 30.88 1.55
CA ASP B 78 17.71 31.46 2.27
C ASP B 78 18.88 31.70 1.33
N GLN B 79 19.19 30.73 0.47
CA GLN B 79 20.29 30.90 -0.46
C GLN B 79 19.89 31.69 -1.69
N LYS B 80 18.66 32.18 -1.76
CA LYS B 80 18.22 33.09 -2.84
C LYS B 80 18.38 32.42 -4.20
N ALA B 81 18.22 31.09 -4.23
CA ALA B 81 18.29 30.40 -5.51
C ALA B 81 17.03 30.62 -6.32
N CYS B 82 15.89 30.79 -5.65
CA CYS B 82 14.62 31.06 -6.32
C CYS B 82 13.64 31.60 -5.30
N LEU B 83 13.00 32.73 -5.60
CA LEU B 83 12.16 33.45 -4.64
C LEU B 83 10.77 33.62 -5.23
N PRO B 84 9.91 32.60 -5.14
CA PRO B 84 8.58 32.71 -5.75
C PRO B 84 7.71 33.72 -5.03
N SER B 85 6.85 34.40 -5.79
CA SER B 85 5.83 35.29 -5.26
C SER B 85 4.50 34.95 -5.86
N PRO B 86 3.38 35.26 -5.21
CA PRO B 86 2.07 34.85 -5.71
C PRO B 86 1.63 35.61 -6.95
N VAL B 87 1.05 34.86 -7.89
CA VAL B 87 0.46 35.38 -9.12
C VAL B 87 -0.84 34.62 -9.36
N ASN B 88 -1.97 35.25 -9.07
CA ASN B 88 -3.30 34.62 -9.12
C ASN B 88 -3.24 33.34 -8.28
N ASP B 89 -3.59 32.18 -8.83
CA ASP B 89 -3.55 30.92 -8.08
C ASP B 89 -2.27 30.16 -8.40
N ALA B 90 -1.14 30.86 -8.34
CA ALA B 90 0.16 30.25 -8.61
C ALA B 90 1.24 31.12 -8.01
N TRP B 91 2.44 30.55 -7.94
CA TRP B 91 3.62 31.24 -7.43
C TRP B 91 4.71 31.12 -8.48
N GLU B 92 5.40 32.21 -8.77
CA GLU B 92 6.41 32.23 -9.82
C GLU B 92 7.69 32.92 -9.38
N GLY B 93 8.82 32.37 -9.81
CA GLY B 93 10.13 32.90 -9.49
C GLY B 93 11.10 32.53 -10.60
N ARG B 94 12.32 33.06 -10.49
CA ARG B 94 13.41 32.78 -11.43
C ARG B 94 14.65 32.26 -10.71
N VAL B 95 15.26 31.22 -11.27
CA VAL B 95 16.46 30.56 -10.72
C VAL B 95 17.69 31.45 -10.92
N GLN B 96 18.23 31.99 -9.82
CA GLN B 96 19.45 32.81 -9.79
C GLN B 96 20.59 32.15 -8.98
N THR B 97 21.32 31.19 -9.58
CA THR B 97 22.45 30.55 -8.90
C THR B 97 23.83 31.04 -9.33
N ARG B 98 23.97 31.71 -10.48
CA ARG B 98 25.26 32.26 -10.93
C ARG B 98 26.29 31.17 -11.24
N GLY B 99 25.84 30.06 -11.83
CA GLY B 99 26.75 29.03 -12.25
C GLY B 99 26.96 27.93 -11.25
N ASP B 100 26.51 28.12 -10.01
CA ASP B 100 26.57 27.05 -9.03
C ASP B 100 25.57 25.98 -9.42
N THR B 101 25.95 24.72 -9.21
CA THR B 101 25.04 23.61 -9.43
C THR B 101 24.86 22.89 -8.10
N GLY B 102 23.81 22.09 -8.01
CA GLY B 102 23.51 21.34 -6.82
C GLY B 102 22.06 21.45 -6.45
N ARG B 103 21.70 20.72 -5.38
CA ARG B 103 20.35 20.66 -4.86
C ARG B 103 20.10 21.71 -3.79
N TYR B 104 18.91 22.32 -3.83
CA TYR B 104 18.48 23.30 -2.84
C TYR B 104 17.19 22.75 -2.25
N LEU B 105 17.28 22.22 -1.03
CA LEU B 105 16.12 21.79 -0.28
C LEU B 105 15.22 23.00 0.00
N TYR B 106 13.92 22.76 0.07
CA TYR B 106 12.99 23.79 0.52
C TYR B 106 11.72 23.12 1.02
N THR B 107 10.83 23.94 1.61
CA THR B 107 9.57 23.47 2.16
C THR B 107 8.43 24.33 1.63
N ILE B 108 7.35 23.68 1.16
CA ILE B 108 6.15 24.36 0.70
C ILE B 108 5.06 24.11 1.72
N SER B 109 4.45 25.18 2.21
CA SER B 109 3.27 25.05 3.06
C SER B 109 2.02 25.18 2.18
N LEU B 110 1.07 24.28 2.39
CA LEU B 110 -0.21 24.26 1.69
C LEU B 110 -1.33 24.45 2.69
N SER B 111 -2.43 25.01 2.21
CA SER B 111 -3.67 25.00 2.96
C SER B 111 -4.57 23.94 2.34
N ILE B 112 -4.94 22.94 3.13
CA ILE B 112 -5.70 21.81 2.63
C ILE B 112 -7.08 21.93 3.28
N ASN B 113 -8.04 22.48 2.53
CA ASN B 113 -9.35 22.81 3.09
C ASN B 113 -9.17 23.61 4.38
N GLY B 114 -8.20 24.53 4.38
CA GLY B 114 -7.96 25.37 5.53
C GLY B 114 -6.93 24.84 6.52
N ILE B 115 -6.56 23.57 6.41
CA ILE B 115 -5.59 22.97 7.31
C ILE B 115 -4.21 23.17 6.72
N THR B 116 -3.29 23.73 7.50
CA THR B 116 -1.93 23.95 7.00
C THR B 116 -1.13 22.66 7.16
N MET B 117 -0.56 22.19 6.04
CA MET B 117 0.33 21.05 5.96
C MET B 117 1.51 21.43 5.06
N ASN B 118 2.65 20.77 5.25
CA ASN B 118 3.82 21.07 4.44
C ASN B 118 4.49 19.79 3.93
N PHE B 119 5.30 19.93 2.89
CA PHE B 119 6.22 18.90 2.45
C PHE B 119 7.49 19.58 1.94
N SER B 120 8.58 18.83 1.83
CA SER B 120 9.88 19.41 1.53
C SER B 120 10.50 18.75 0.32
N PRO B 121 10.24 19.27 -0.87
CA PRO B 121 10.94 18.76 -2.04
C PRO B 121 12.27 19.49 -2.19
N TYR B 122 12.97 19.35 -3.30
CA TYR B 122 14.16 20.14 -3.51
C TYR B 122 14.20 20.60 -4.96
N LEU B 123 14.98 21.66 -5.20
CA LEU B 123 15.26 22.18 -6.53
C LEU B 123 16.66 21.76 -6.93
N GLU B 124 16.78 21.10 -8.08
CA GLU B 124 18.10 20.77 -8.61
C GLU B 124 18.46 21.76 -9.71
N VAL B 125 19.61 22.42 -9.56
CA VAL B 125 20.09 23.43 -10.49
C VAL B 125 21.32 22.92 -11.22
N GLN B 126 21.31 23.04 -12.55
CA GLN B 126 22.45 22.67 -13.40
C GLN B 126 22.95 23.79 -14.30
N LYS C 2 16.22 -1.87 1.74
CA LYS C 2 16.06 -3.24 2.22
C LYS C 2 15.54 -3.23 3.65
N LYS C 3 14.22 -3.22 3.80
CA LYS C 3 13.59 -3.15 5.11
C LYS C 3 13.12 -4.53 5.54
N ILE C 4 13.47 -4.92 6.77
CA ILE C 4 13.02 -6.19 7.35
C ILE C 4 11.73 -5.97 8.11
N GLU C 5 10.71 -6.76 7.80
CA GLU C 5 9.45 -6.70 8.52
C GLU C 5 9.18 -8.04 9.21
N ILE C 6 8.86 -8.00 10.50
CA ILE C 6 8.70 -9.17 11.35
C ILE C 6 7.25 -9.23 11.79
N LEU C 7 6.64 -10.41 11.69
CA LEU C 7 5.32 -10.67 12.23
C LEU C 7 5.49 -11.59 13.43
N ILE C 8 5.00 -11.15 14.59
CA ILE C 8 4.90 -11.98 15.78
C ILE C 8 3.49 -12.55 15.84
N VAL C 9 3.37 -13.88 15.73
CA VAL C 9 2.08 -14.55 15.77
C VAL C 9 1.93 -15.25 17.12
N VAL C 10 0.81 -15.01 17.78
CA VAL C 10 0.55 -15.58 19.09
C VAL C 10 -0.71 -16.43 19.02
N ASP C 11 -0.57 -17.70 19.41
CA ASP C 11 -1.70 -18.55 19.74
C ASP C 11 -2.23 -18.09 21.10
N CYS C 12 -3.19 -17.18 21.11
CA CYS C 12 -3.58 -16.58 22.38
C CYS C 12 -4.45 -17.53 23.20
N ALA C 13 -5.13 -18.49 22.56
CA ALA C 13 -5.81 -19.54 23.33
C ALA C 13 -4.81 -20.35 24.14
N GLY C 14 -3.74 -20.82 23.50
CA GLY C 14 -2.72 -21.55 24.23
C GLY C 14 -2.02 -20.68 25.26
N ALA C 15 -1.65 -19.45 24.88
CA ALA C 15 -0.90 -18.58 25.77
C ALA C 15 -1.66 -18.26 27.05
N LEU C 16 -2.96 -17.96 26.93
CA LEU C 16 -3.77 -17.64 28.09
C LEU C 16 -4.09 -18.87 28.93
N ALA C 17 -4.26 -20.03 28.30
CA ALA C 17 -4.55 -21.24 29.04
C ALA C 17 -3.37 -21.68 29.90
N THR C 18 -2.16 -21.54 29.36
CA THR C 18 -0.92 -21.98 30.02
C THR C 18 -0.18 -20.83 30.67
N THR C 19 -0.73 -19.61 30.58
CA THR C 19 -0.11 -18.38 31.10
C THR C 19 1.36 -18.30 30.71
N SER C 20 1.68 -18.73 29.49
CA SER C 20 3.04 -18.64 28.99
C SER C 20 3.06 -18.59 27.47
N LEU C 21 4.01 -17.83 26.94
CA LEU C 21 4.15 -17.76 25.49
C LEU C 21 4.90 -18.96 24.91
N ILE C 22 5.54 -19.79 25.74
CA ILE C 22 6.28 -20.90 25.16
C ILE C 22 5.30 -21.83 24.46
N SER C 23 5.70 -22.28 23.25
CA SER C 23 4.90 -23.09 22.34
C SER C 23 3.69 -22.35 21.80
N ASN C 24 3.58 -21.04 22.07
CA ASN C 24 2.44 -20.25 21.60
C ASN C 24 2.84 -19.03 20.79
N VAL C 25 4.11 -18.87 20.43
CA VAL C 25 4.53 -17.65 19.75
C VAL C 25 5.44 -18.01 18.60
N TYR C 26 5.29 -17.29 17.49
CA TYR C 26 6.00 -17.57 16.26
C TYR C 26 6.49 -16.26 15.65
N LEU C 27 7.62 -16.34 14.93
CA LEU C 27 8.09 -15.25 14.09
C LEU C 27 8.08 -15.70 12.64
N ILE C 28 7.55 -14.83 11.78
CA ILE C 28 7.70 -14.91 10.33
C ILE C 28 8.14 -13.51 9.89
N ASP C 29 9.20 -13.45 9.08
CA ASP C 29 9.69 -12.14 8.62
C ASP C 29 9.82 -12.14 7.10
N SER C 30 10.03 -10.95 6.55
CA SER C 30 10.01 -10.74 5.12
C SER C 30 11.28 -11.19 4.43
N ASN C 31 12.26 -11.69 5.19
CA ASN C 31 13.41 -12.39 4.63
C ASN C 31 13.18 -13.90 4.60
N GLN C 32 11.92 -14.33 4.76
CA GLN C 32 11.50 -15.73 4.67
C GLN C 32 12.03 -16.59 5.79
N TRP C 33 12.33 -15.96 6.93
CA TRP C 33 12.63 -16.69 8.15
C TRP C 33 11.33 -17.04 8.86
N LEU C 34 11.27 -18.26 9.41
CA LEU C 34 10.10 -18.76 10.11
C LEU C 34 10.55 -19.57 11.32
N GLY C 35 9.84 -19.44 12.45
CA GLY C 35 10.28 -20.11 13.65
C GLY C 35 9.20 -20.24 14.69
N SER C 36 9.39 -21.23 15.57
CA SER C 36 8.56 -21.43 16.75
C SER C 36 9.47 -21.58 17.97
N TRP C 37 8.86 -21.50 19.15
CA TRP C 37 9.58 -21.65 20.41
C TRP C 37 8.84 -22.71 21.21
N ASP C 38 9.34 -23.94 21.15
CA ASP C 38 8.68 -25.07 21.78
C ASP C 38 9.30 -25.47 23.11
N GLU C 39 10.62 -25.39 23.20
CA GLU C 39 11.29 -25.98 24.34
C GLU C 39 12.51 -25.13 24.68
N GLY C 40 12.96 -25.22 25.94
CA GLY C 40 14.16 -24.54 26.36
C GLY C 40 14.09 -23.02 26.30
N THR C 41 15.25 -22.40 26.18
CA THR C 41 15.28 -20.95 26.03
C THR C 41 14.87 -20.55 24.62
N CYS C 42 14.22 -19.39 24.52
CA CYS C 42 13.70 -18.95 23.23
C CYS C 42 14.85 -18.70 22.27
N GLN C 43 14.73 -19.26 21.06
CA GLN C 43 15.73 -19.09 20.03
C GLN C 43 15.22 -18.32 18.81
N LEU C 44 13.99 -17.82 18.85
CA LEU C 44 13.50 -16.96 17.76
C LEU C 44 14.44 -15.78 17.58
N HIS C 45 14.69 -15.40 16.33
CA HIS C 45 15.64 -14.31 16.09
C HIS C 45 15.45 -13.75 14.69
N THR C 46 16.15 -12.64 14.45
CA THR C 46 16.13 -11.93 13.18
C THR C 46 17.56 -11.61 12.78
N VAL C 47 17.86 -11.80 11.50
CA VAL C 47 19.19 -11.51 10.95
C VAL C 47 19.14 -10.17 10.23
N SER C 48 20.10 -9.31 10.52
CA SER C 48 20.12 -8.00 9.89
C SER C 48 21.56 -7.53 9.78
N GLU C 49 21.72 -6.34 9.24
CA GLU C 49 23.02 -5.70 9.17
C GLU C 49 22.84 -4.23 9.50
N ASP C 50 23.98 -3.59 9.77
CA ASP C 50 24.00 -2.20 10.21
C ASP C 50 23.29 -1.26 9.25
N GLY C 51 22.48 -0.37 9.83
CA GLY C 51 21.77 0.63 9.06
C GLY C 51 20.43 0.19 8.52
N GLN C 52 20.09 -1.08 8.66
CA GLN C 52 18.84 -1.60 8.12
C GLN C 52 17.67 -1.21 9.02
N PHE C 53 16.57 -0.81 8.39
CA PHE C 53 15.35 -0.56 9.14
C PHE C 53 14.65 -1.88 9.46
N ILE C 54 14.17 -2.00 10.70
CA ILE C 54 13.44 -3.18 11.14
C ILE C 54 12.09 -2.75 11.67
N CYS C 55 11.06 -3.55 11.37
CA CYS C 55 9.69 -3.26 11.76
C CYS C 55 9.06 -4.50 12.40
N TRP C 56 8.48 -4.33 13.60
CA TRP C 56 7.80 -5.40 14.33
C TRP C 56 6.30 -5.11 14.37
N ARG C 57 5.50 -6.15 14.18
CA ARG C 57 4.07 -6.04 14.44
C ARG C 57 3.58 -7.37 14.97
N SER C 58 2.43 -7.35 15.64
CA SER C 58 1.95 -8.56 16.27
C SER C 58 0.50 -8.78 15.90
N CYS C 59 0.14 -10.05 15.74
CA CYS C 59 -1.25 -10.40 15.46
C CYS C 59 -1.53 -11.73 16.14
N ALA C 60 -2.82 -11.99 16.37
CA ALA C 60 -3.26 -13.30 16.85
C ALA C 60 -3.66 -14.24 15.73
N ILE C 61 -3.65 -15.54 16.06
CA ILE C 61 -4.24 -16.54 15.16
C ILE C 61 -5.75 -16.34 15.05
N SER C 62 -6.43 -16.24 16.18
CA SER C 62 -7.88 -16.12 16.13
C SER C 62 -8.30 -14.74 15.64
N PRO C 63 -9.37 -14.64 14.85
CA PRO C 63 -9.89 -13.31 14.52
C PRO C 63 -10.45 -12.58 15.72
N ASP C 64 -10.66 -13.28 16.84
CA ASP C 64 -11.31 -12.71 18.01
C ASP C 64 -10.36 -12.08 19.02
N ASP C 65 -9.07 -12.39 18.97
CA ASP C 65 -8.13 -11.95 20.00
C ASP C 65 -7.38 -10.69 19.57
N GLU C 66 -6.72 -10.06 20.55
CA GLU C 66 -5.96 -8.84 20.33
C GLU C 66 -4.58 -8.96 20.97
N VAL C 67 -3.53 -8.71 20.17
CA VAL C 67 -2.15 -8.75 20.64
C VAL C 67 -1.46 -7.45 20.22
N ASN C 68 -0.91 -6.74 21.19
CA ASN C 68 -0.12 -5.55 20.89
C ASN C 68 1.25 -5.67 21.53
N ILE C 69 2.26 -5.19 20.81
CA ILE C 69 3.60 -5.03 21.36
C ILE C 69 3.58 -3.77 22.23
N THR C 70 3.91 -3.92 23.51
CA THR C 70 3.91 -2.77 24.41
C THR C 70 5.30 -2.27 24.77
N GLY C 71 6.36 -3.02 24.49
CA GLY C 71 7.69 -2.49 24.77
C GLY C 71 8.78 -3.46 24.40
N PHE C 72 9.99 -2.91 24.36
CA PHE C 72 11.24 -3.63 24.08
C PHE C 72 12.23 -3.36 25.21
N TYR C 73 12.99 -4.38 25.62
CA TYR C 73 13.95 -4.22 26.72
C TYR C 73 15.15 -5.11 26.44
N GLY C 74 16.22 -4.87 27.19
CA GLY C 74 17.34 -5.79 27.18
C GLY C 74 18.55 -5.27 26.42
N ASP C 75 19.45 -6.20 26.11
CA ASP C 75 20.77 -5.84 25.58
C ASP C 75 20.69 -5.02 24.30
N MET C 76 19.82 -5.41 23.36
CA MET C 76 19.68 -4.66 22.12
C MET C 76 19.38 -3.20 22.38
N ILE C 77 18.63 -2.91 23.45
CA ILE C 77 18.34 -1.54 23.80
C ILE C 77 19.47 -0.94 24.64
N ASP C 78 19.85 -1.62 25.71
CA ASP C 78 20.89 -1.10 26.60
C ASP C 78 22.17 -0.82 25.84
N GLN C 79 22.58 -1.75 24.96
CA GLN C 79 23.75 -1.51 24.14
C GLN C 79 23.45 -0.67 22.92
N LYS C 80 22.22 -0.19 22.78
CA LYS C 80 21.86 0.81 21.75
C LYS C 80 22.11 0.27 20.34
N ALA C 81 21.91 -1.03 20.14
CA ALA C 81 22.06 -1.59 18.81
C ALA C 81 20.86 -1.29 17.93
N CYS C 82 19.68 -1.19 18.52
CA CYS C 82 18.45 -0.86 17.81
C CYS C 82 17.41 -0.42 18.82
N LEU C 83 16.77 0.70 18.56
CA LEU C 83 15.87 1.35 19.51
C LEU C 83 14.50 1.51 18.85
N PRO C 84 13.64 0.48 18.92
CA PRO C 84 12.35 0.57 18.24
C PRO C 84 11.48 1.67 18.84
N SER C 85 10.67 2.29 17.99
CA SER C 85 9.70 3.30 18.36
C SER C 85 8.34 2.91 17.81
N PRO C 86 7.25 3.34 18.44
CA PRO C 86 5.93 2.97 17.92
C PRO C 86 5.62 3.75 16.65
N VAL C 87 5.06 3.06 15.66
CA VAL C 87 4.59 3.71 14.43
C VAL C 87 3.24 3.10 14.08
N ASN C 88 2.19 3.85 14.37
CA ASN C 88 0.82 3.36 14.26
C ASN C 88 0.77 2.04 15.05
N ASP C 89 0.36 0.93 14.44
CA ASP C 89 0.30 -0.37 15.12
C ASP C 89 1.49 -1.26 14.78
N ALA C 90 2.68 -0.70 14.95
CA ALA C 90 3.93 -1.41 14.70
C ALA C 90 5.04 -0.68 15.43
N TRP C 91 6.21 -1.30 15.43
CA TRP C 91 7.40 -0.69 16.01
C TRP C 91 8.54 -0.74 14.99
N GLU C 92 9.27 0.36 14.88
CA GLU C 92 10.42 0.42 13.98
C GLU C 92 11.61 1.08 14.65
N GLY C 93 12.77 0.59 14.26
CA GLY C 93 14.05 1.13 14.71
C GLY C 93 15.00 0.88 13.56
N ARG C 94 16.19 1.42 13.69
CA ARG C 94 17.19 1.20 12.66
C ARG C 94 18.41 0.66 13.36
N VAL C 95 19.01 -0.37 12.77
CA VAL C 95 20.19 -0.92 13.40
C VAL C 95 21.30 0.11 13.27
N GLN C 96 21.49 0.92 14.31
CA GLN C 96 22.56 1.92 14.37
C GLN C 96 23.55 1.43 15.40
N THR C 97 24.29 0.40 15.03
CA THR C 97 25.31 -0.11 15.93
C THR C 97 26.66 0.43 15.53
N ARG C 98 27.06 0.08 14.32
CA ARG C 98 28.38 0.26 13.74
C ARG C 98 29.40 -0.57 14.52
N GLY C 99 28.97 -1.18 15.64
CA GLY C 99 29.70 -2.08 16.51
C GLY C 99 30.01 -3.43 15.88
N ASP C 100 29.43 -3.70 14.71
CA ASP C 100 29.65 -4.89 13.91
C ASP C 100 28.88 -6.09 14.42
N THR C 101 29.56 -7.12 14.93
CA THR C 101 29.00 -8.46 14.86
C THR C 101 28.59 -8.97 16.24
N GLY C 102 27.66 -9.93 16.22
CA GLY C 102 27.23 -10.63 17.42
C GLY C 102 25.69 -10.68 17.52
N ARG C 103 25.28 -11.47 18.51
CA ARG C 103 23.86 -11.62 18.85
C ARG C 103 23.53 -10.59 19.92
N TYR C 104 22.33 -9.99 19.83
CA TYR C 104 21.87 -8.98 20.79
C TYR C 104 20.55 -9.45 21.38
N LEU C 105 20.60 -9.92 22.64
CA LEU C 105 19.38 -10.41 23.27
C LEU C 105 18.41 -9.26 23.48
N TYR C 106 17.10 -9.53 23.42
CA TYR C 106 16.15 -8.51 23.86
C TYR C 106 14.84 -9.17 24.26
N THR C 107 13.96 -8.37 24.84
CA THR C 107 12.71 -8.86 25.39
C THR C 107 11.59 -8.00 24.86
N ILE C 108 10.53 -8.65 24.39
CA ILE C 108 9.34 -7.98 23.86
C ILE C 108 8.19 -8.25 24.83
N SER C 109 7.52 -7.19 25.28
CA SER C 109 6.26 -7.34 26.02
C SER C 109 5.10 -7.32 25.05
N LEU C 110 4.23 -8.30 25.16
CA LEU C 110 3.02 -8.37 24.37
C LEU C 110 1.83 -8.30 25.30
N SER C 111 0.80 -7.57 24.90
CA SER C 111 -0.46 -7.56 25.64
C SER C 111 -1.42 -8.45 24.88
N ILE C 112 -1.89 -9.50 25.54
CA ILE C 112 -2.68 -10.56 24.94
C ILE C 112 -4.04 -10.52 25.62
N ASN C 113 -5.02 -9.90 24.95
CA ASN C 113 -6.35 -9.71 25.55
C ASN C 113 -6.24 -9.08 26.93
N GLY C 114 -5.35 -8.09 27.07
CA GLY C 114 -5.19 -7.40 28.32
C GLY C 114 -4.15 -7.98 29.26
N ILE C 115 -3.71 -9.23 29.03
CA ILE C 115 -2.67 -9.87 29.82
C ILE C 115 -1.33 -9.64 29.15
N THR C 116 -0.36 -9.08 29.89
CA THR C 116 0.98 -8.86 29.35
C THR C 116 1.88 -10.05 29.65
N MET C 117 2.53 -10.57 28.61
CA MET C 117 3.54 -11.62 28.73
C MET C 117 4.76 -11.24 27.89
N ASN C 118 5.91 -11.75 28.30
CA ASN C 118 7.17 -11.40 27.65
C ASN C 118 7.79 -12.62 27.02
N PHE C 119 8.55 -12.39 25.96
CA PHE C 119 9.44 -13.41 25.43
C PHE C 119 10.69 -12.72 24.92
N SER C 120 11.77 -13.49 24.81
CA SER C 120 13.08 -12.91 24.57
C SER C 120 13.72 -13.51 23.35
N PRO C 121 13.50 -12.93 22.18
CA PRO C 121 14.24 -13.35 20.99
C PRO C 121 15.56 -12.59 20.97
N TYR C 122 16.29 -12.65 19.87
CA TYR C 122 17.48 -11.83 19.76
C TYR C 122 17.60 -11.29 18.34
N LEU C 123 18.34 -10.20 18.22
CA LEU C 123 18.67 -9.59 16.93
C LEU C 123 20.11 -9.94 16.60
N GLU C 124 20.33 -10.55 15.44
CA GLU C 124 21.67 -10.84 14.97
C GLU C 124 22.06 -9.80 13.92
N VAL C 125 23.12 -9.05 14.19
CA VAL C 125 23.62 -8.03 13.29
C VAL C 125 24.97 -8.47 12.76
N GLN C 126 25.09 -8.59 11.44
CA GLN C 126 26.35 -8.99 10.81
C GLN C 126 26.80 -8.04 9.69
N LYS D 2 -13.63 -28.08 20.64
CA LYS D 2 -12.23 -28.09 20.28
C LYS D 2 -12.13 -27.67 18.79
N LYS D 3 -12.07 -26.36 18.58
CA LYS D 3 -12.13 -25.73 17.27
C LYS D 3 -10.73 -25.40 16.78
N ILE D 4 -10.46 -25.70 15.51
CA ILE D 4 -9.18 -25.39 14.87
C ILE D 4 -9.26 -24.00 14.23
N GLU D 5 -8.28 -23.14 14.55
CA GLU D 5 -8.15 -21.82 13.93
C GLU D 5 -6.85 -21.76 13.15
N ILE D 6 -6.92 -21.27 11.91
CA ILE D 6 -5.81 -21.24 10.95
C ILE D 6 -5.52 -19.79 10.59
N LEU D 7 -4.23 -19.41 10.62
CA LEU D 7 -3.79 -18.12 10.12
C LEU D 7 -2.99 -18.34 8.85
N ILE D 8 -3.42 -17.70 7.77
CA ILE D 8 -2.65 -17.67 6.52
C ILE D 8 -1.84 -16.39 6.57
N VAL D 9 -0.52 -16.53 6.54
CA VAL D 9 0.38 -15.38 6.56
C VAL D 9 0.97 -15.23 5.16
N VAL D 10 0.92 -14.01 4.62
CA VAL D 10 1.43 -13.74 3.29
C VAL D 10 2.52 -12.68 3.37
N ASP D 11 3.69 -13.00 2.82
CA ASP D 11 4.72 -12.01 2.52
C ASP D 11 4.24 -11.29 1.24
N CYS D 12 3.57 -10.15 1.40
CA CYS D 12 2.92 -9.57 0.23
C CYS D 12 3.92 -8.87 -0.68
N ALA D 13 5.00 -8.34 -0.13
CA ALA D 13 6.07 -7.80 -0.95
C ALA D 13 6.67 -8.88 -1.84
N GLY D 14 7.00 -10.04 -1.26
CA GLY D 14 7.55 -11.11 -2.05
C GLY D 14 6.55 -11.63 -3.07
N ALA D 15 5.31 -11.84 -2.64
CA ALA D 15 4.29 -12.40 -3.53
C ALA D 15 4.04 -11.47 -4.73
N LEU D 16 3.96 -10.16 -4.49
CA LEU D 16 3.68 -9.25 -5.60
C LEU D 16 4.91 -9.11 -6.49
N ALA D 17 6.11 -9.14 -5.92
CA ALA D 17 7.29 -9.03 -6.78
C ALA D 17 7.45 -10.26 -7.66
N THR D 18 7.11 -11.44 -7.15
CA THR D 18 7.32 -12.70 -7.87
C THR D 18 6.05 -13.22 -8.53
N THR D 19 4.93 -12.50 -8.37
CA THR D 19 3.61 -12.90 -8.91
C THR D 19 3.30 -14.36 -8.59
N SER D 20 3.73 -14.80 -7.40
CA SER D 20 3.40 -16.17 -6.98
C SER D 20 3.44 -16.27 -5.47
N LEU D 21 2.56 -17.10 -4.91
CA LEU D 21 2.58 -17.31 -3.47
C LEU D 21 3.66 -18.30 -3.03
N ILE D 22 4.31 -19.03 -3.94
CA ILE D 22 5.29 -20.00 -3.48
C ILE D 22 6.44 -19.24 -2.81
N SER D 23 6.88 -19.77 -1.66
CA SER D 23 7.87 -19.19 -0.76
C SER D 23 7.40 -17.89 -0.13
N ASN D 24 6.12 -17.52 -0.31
CA ASN D 24 5.56 -16.31 0.24
C ASN D 24 4.30 -16.52 1.09
N VAL D 25 3.91 -17.76 1.38
CA VAL D 25 2.67 -18.05 2.10
C VAL D 25 2.96 -19.09 3.17
N TYR D 26 2.30 -18.93 4.32
CA TYR D 26 2.53 -19.77 5.50
C TYR D 26 1.21 -20.10 6.16
N LEU D 27 1.17 -21.26 6.83
CA LEU D 27 0.05 -21.59 7.71
C LEU D 27 0.58 -21.70 9.13
N ILE D 28 -0.13 -21.11 10.08
CA ILE D 28 0.04 -21.40 11.49
C ILE D 28 -1.34 -21.63 12.06
N ASP D 29 -1.52 -22.71 12.82
CA ASP D 29 -2.84 -23.01 13.37
C ASP D 29 -2.75 -23.29 14.86
N SER D 30 -3.92 -23.38 15.48
CA SER D 30 -4.04 -23.54 16.92
C SER D 30 -3.73 -24.95 17.39
N ASN D 31 -3.42 -25.87 16.48
CA ASN D 31 -2.86 -27.17 16.85
C ASN D 31 -1.34 -27.15 16.90
N GLN D 32 -0.74 -25.95 16.78
CA GLN D 32 0.69 -25.72 16.76
C GLN D 32 1.35 -26.25 15.48
N TRP D 33 0.59 -26.44 14.41
CA TRP D 33 1.20 -26.75 13.13
C TRP D 33 1.64 -25.46 12.45
N LEU D 34 2.84 -25.49 11.87
CA LEU D 34 3.36 -24.35 11.11
C LEU D 34 4.11 -24.88 9.91
N GLY D 35 3.97 -24.19 8.78
CA GLY D 35 4.58 -24.69 7.57
C GLY D 35 4.72 -23.59 6.55
N SER D 36 5.62 -23.81 5.61
CA SER D 36 5.83 -22.95 4.47
C SER D 36 5.71 -23.80 3.21
N TRP D 37 5.42 -23.11 2.10
CA TRP D 37 5.37 -23.73 0.78
C TRP D 37 6.55 -23.15 0.01
N ASP D 38 7.62 -23.91 -0.07
CA ASP D 38 8.89 -23.45 -0.65
C ASP D 38 9.19 -24.02 -2.02
N GLU D 39 8.85 -25.28 -2.27
CA GLU D 39 9.24 -25.97 -3.47
C GLU D 39 8.09 -26.84 -3.95
N GLY D 40 8.07 -27.11 -5.25
CA GLY D 40 7.16 -28.13 -5.68
C GLY D 40 5.69 -27.83 -5.38
N THR D 41 4.95 -28.91 -5.23
CA THR D 41 3.53 -28.81 -4.91
C THR D 41 3.32 -28.36 -3.48
N CYS D 42 2.27 -27.59 -3.26
CA CYS D 42 1.98 -27.10 -1.92
C CYS D 42 1.65 -28.28 -1.01
N GLN D 43 2.29 -28.33 0.16
CA GLN D 43 2.03 -29.37 1.14
C GLN D 43 1.46 -28.81 2.43
N LEU D 44 1.17 -27.51 2.46
CA LEU D 44 0.53 -26.90 3.61
C LEU D 44 -0.78 -27.63 3.91
N HIS D 45 -1.05 -27.86 5.20
CA HIS D 45 -2.23 -28.64 5.52
C HIS D 45 -2.65 -28.46 6.97
N THR D 46 -3.81 -29.02 7.28
CA THR D 46 -4.42 -28.98 8.60
C THR D 46 -4.92 -30.37 8.95
N VAL D 47 -4.68 -30.80 10.20
CA VAL D 47 -5.15 -32.10 10.69
C VAL D 47 -6.43 -31.89 11.48
N SER D 48 -7.47 -32.67 11.19
CA SER D 48 -8.76 -32.49 11.85
C SER D 48 -9.51 -33.81 11.95
N GLU D 49 -10.74 -33.73 12.48
CA GLU D 49 -11.62 -34.88 12.62
C GLU D 49 -13.03 -34.48 12.20
N ASP D 50 -13.84 -35.49 11.91
CA ASP D 50 -15.23 -35.27 11.53
C ASP D 50 -15.96 -34.49 12.63
N GLY D 51 -16.75 -33.49 12.21
CA GLY D 51 -17.53 -32.72 13.16
C GLY D 51 -16.82 -31.54 13.77
N GLN D 52 -15.52 -31.40 13.54
CA GLN D 52 -14.74 -30.33 14.14
C GLN D 52 -14.99 -29.01 13.38
N PHE D 53 -15.14 -27.92 14.13
CA PHE D 53 -15.25 -26.60 13.52
C PHE D 53 -13.88 -26.05 13.15
N ILE D 54 -13.78 -25.44 11.95
CA ILE D 54 -12.52 -24.88 11.45
C ILE D 54 -12.73 -23.42 11.06
N CYS D 55 -11.73 -22.57 11.34
CA CYS D 55 -11.80 -21.15 11.01
C CYS D 55 -10.51 -20.71 10.31
N TRP D 56 -10.64 -20.04 9.15
CA TRP D 56 -9.51 -19.49 8.40
C TRP D 56 -9.53 -17.97 8.46
N ARG D 57 -8.36 -17.35 8.62
CA ARG D 57 -8.21 -15.91 8.42
C ARG D 57 -6.84 -15.65 7.79
N SER D 58 -6.67 -14.48 7.19
CA SER D 58 -5.45 -14.17 6.46
C SER D 58 -4.94 -12.82 6.90
N CYS D 59 -3.62 -12.68 6.93
CA CYS D 59 -2.99 -11.42 7.31
C CYS D 59 -1.69 -11.27 6.53
N ALA D 60 -1.20 -10.03 6.42
CA ALA D 60 0.12 -9.75 5.89
C ALA D 60 1.20 -9.66 6.97
N ILE D 61 2.45 -9.85 6.53
CA ILE D 61 3.58 -9.58 7.41
C ILE D 61 3.67 -8.09 7.71
N SER D 62 3.63 -7.26 6.66
CA SER D 62 3.75 -5.83 6.81
C SER D 62 2.44 -5.24 7.32
N PRO D 63 2.48 -4.22 8.19
CA PRO D 63 1.24 -3.52 8.56
C PRO D 63 0.59 -2.77 7.40
N ASP D 64 1.30 -2.58 6.29
CA ASP D 64 0.79 -1.77 5.19
C ASP D 64 -0.05 -2.54 4.18
N ASP D 65 0.06 -3.87 4.14
CA ASP D 65 -0.59 -4.65 3.11
C ASP D 65 -1.93 -5.19 3.60
N GLU D 66 -2.75 -5.66 2.66
CA GLU D 66 -4.05 -6.22 2.98
C GLU D 66 -4.25 -7.52 2.19
N VAL D 67 -4.56 -8.59 2.92
CA VAL D 67 -4.79 -9.93 2.39
C VAL D 67 -6.13 -10.41 2.90
N ASN D 68 -7.03 -10.75 1.98
CA ASN D 68 -8.32 -11.32 2.33
C ASN D 68 -8.55 -12.61 1.54
N ILE D 69 -9.21 -13.56 2.19
CA ILE D 69 -9.65 -14.78 1.52
C ILE D 69 -10.89 -14.47 0.71
N THR D 70 -10.85 -14.75 -0.60
CA THR D 70 -12.02 -14.46 -1.41
C THR D 70 -12.82 -15.70 -1.81
N GLY D 71 -12.30 -16.90 -1.59
CA GLY D 71 -13.10 -18.07 -1.92
C GLY D 71 -12.35 -19.36 -1.65
N PHE D 72 -13.12 -20.46 -1.65
CA PHE D 72 -12.64 -21.82 -1.47
C PHE D 72 -13.14 -22.65 -2.65
N TYR D 73 -12.30 -23.54 -3.18
CA TYR D 73 -12.66 -24.38 -4.31
C TYR D 73 -11.93 -25.72 -4.18
N GLY D 74 -12.36 -26.68 -4.98
CA GLY D 74 -11.62 -27.92 -5.13
C GLY D 74 -12.28 -29.09 -4.42
N ASP D 75 -11.50 -30.15 -4.24
CA ASP D 75 -12.06 -31.42 -3.76
C ASP D 75 -12.81 -31.24 -2.46
N MET D 76 -12.22 -30.52 -1.50
CA MET D 76 -12.86 -30.34 -0.19
C MET D 76 -14.25 -29.75 -0.33
N ILE D 77 -14.45 -28.86 -1.31
CA ILE D 77 -15.76 -28.27 -1.58
C ILE D 77 -16.59 -29.20 -2.46
N ASP D 78 -16.01 -29.68 -3.57
CA ASP D 78 -16.77 -30.54 -4.47
C ASP D 78 -17.27 -31.79 -3.74
N GLN D 79 -16.41 -32.42 -2.96
CA GLN D 79 -16.84 -33.56 -2.17
C GLN D 79 -17.52 -33.18 -0.86
N LYS D 80 -17.74 -31.88 -0.62
CA LYS D 80 -18.56 -31.39 0.49
C LYS D 80 -17.99 -31.83 1.85
N ALA D 81 -16.66 -31.97 1.92
CA ALA D 81 -16.06 -32.42 3.17
C ALA D 81 -16.04 -31.32 4.23
N CYS D 82 -16.00 -30.06 3.80
CA CYS D 82 -16.06 -28.89 4.66
C CYS D 82 -16.36 -27.71 3.76
N LEU D 83 -17.34 -26.88 4.16
CA LEU D 83 -17.90 -25.84 3.30
C LEU D 83 -17.82 -24.49 4.01
N PRO D 84 -16.68 -23.81 3.92
CA PRO D 84 -16.50 -22.55 4.67
C PRO D 84 -17.45 -21.46 4.17
N SER D 85 -17.85 -20.61 5.11
CA SER D 85 -18.65 -19.43 4.83
C SER D 85 -17.98 -18.21 5.45
N PRO D 86 -18.17 -17.03 4.86
CA PRO D 86 -17.56 -15.83 5.42
C PRO D 86 -18.31 -15.38 6.66
N VAL D 87 -17.54 -15.02 7.70
CA VAL D 87 -18.08 -14.50 8.97
C VAL D 87 -17.12 -13.41 9.44
N ASN D 88 -17.56 -12.15 9.38
CA ASN D 88 -16.73 -10.96 9.64
C ASN D 88 -15.50 -11.04 8.74
N ASP D 89 -14.28 -10.94 9.25
CA ASP D 89 -13.08 -11.03 8.41
C ASP D 89 -12.45 -12.41 8.54
N ALA D 90 -13.28 -13.44 8.39
CA ALA D 90 -12.80 -14.80 8.48
C ALA D 90 -13.80 -15.69 7.78
N TRP D 91 -13.41 -16.94 7.61
CA TRP D 91 -14.22 -17.97 6.98
C TRP D 91 -14.32 -19.12 7.96
N GLU D 92 -15.53 -19.67 8.11
CA GLU D 92 -15.80 -20.69 9.11
C GLU D 92 -16.52 -21.86 8.48
N GLY D 93 -16.14 -23.07 8.90
CA GLY D 93 -16.77 -24.28 8.38
C GLY D 93 -16.69 -25.38 9.43
N ARG D 94 -17.38 -26.47 9.13
CA ARG D 94 -17.34 -27.65 9.97
C ARG D 94 -17.04 -28.86 9.12
N VAL D 95 -16.13 -29.72 9.59
CA VAL D 95 -15.79 -30.94 8.88
C VAL D 95 -17.01 -31.87 8.94
N GLN D 96 -17.61 -32.10 7.79
CA GLN D 96 -18.76 -32.99 7.66
C GLN D 96 -18.44 -34.14 6.72
N THR D 97 -17.59 -35.06 7.16
CA THR D 97 -17.23 -36.20 6.32
C THR D 97 -18.12 -37.40 6.54
N ARG D 98 -18.84 -37.44 7.67
CA ARG D 98 -19.75 -38.55 8.00
C ARG D 98 -18.99 -39.86 8.18
N GLY D 99 -17.78 -39.75 8.73
CA GLY D 99 -16.97 -40.90 9.07
C GLY D 99 -15.84 -41.18 8.10
N ASP D 100 -15.87 -40.57 6.91
CA ASP D 100 -14.80 -40.77 5.96
C ASP D 100 -13.52 -40.10 6.45
N THR D 101 -12.40 -40.73 6.14
CA THR D 101 -11.07 -40.25 6.47
C THR D 101 -10.28 -40.05 5.19
N GLY D 102 -9.19 -39.29 5.25
CA GLY D 102 -8.34 -39.08 4.10
C GLY D 102 -8.01 -37.61 3.90
N ARG D 103 -7.21 -37.37 2.84
CA ARG D 103 -6.81 -36.02 2.46
C ARG D 103 -7.80 -35.43 1.47
N TYR D 104 -8.13 -34.16 1.67
CA TYR D 104 -8.99 -33.42 0.76
C TYR D 104 -8.23 -32.17 0.32
N LEU D 105 -7.70 -32.21 -0.90
CA LEU D 105 -7.09 -31.03 -1.49
C LEU D 105 -8.15 -29.95 -1.65
N TYR D 106 -7.73 -28.70 -1.54
CA TYR D 106 -8.63 -27.59 -1.85
C TYR D 106 -7.78 -26.39 -2.21
N THR D 107 -8.45 -25.33 -2.67
CA THR D 107 -7.78 -24.15 -3.16
C THR D 107 -8.35 -22.92 -2.50
N ILE D 108 -7.47 -22.04 -2.05
CA ILE D 108 -7.86 -20.76 -1.46
C ILE D 108 -7.43 -19.65 -2.40
N SER D 109 -8.37 -18.77 -2.75
CA SER D 109 -8.05 -17.54 -3.46
C SER D 109 -7.82 -16.41 -2.46
N LEU D 110 -6.70 -15.72 -2.62
CA LEU D 110 -6.38 -14.57 -1.79
C LEU D 110 -6.31 -13.33 -2.66
N SER D 111 -6.80 -12.21 -2.12
CA SER D 111 -6.64 -10.92 -2.76
C SER D 111 -5.56 -10.18 -1.98
N ILE D 112 -4.46 -9.87 -2.68
CA ILE D 112 -3.25 -9.33 -2.08
C ILE D 112 -3.06 -7.95 -2.65
N ASN D 113 -3.50 -6.93 -1.92
CA ASN D 113 -3.50 -5.56 -2.42
C ASN D 113 -4.19 -5.48 -3.77
N GLY D 114 -5.31 -6.20 -3.90
CA GLY D 114 -6.12 -6.18 -5.11
C GLY D 114 -5.79 -7.26 -6.13
N ILE D 115 -4.63 -7.88 -6.05
CA ILE D 115 -4.23 -8.95 -6.96
C ILE D 115 -4.63 -10.29 -6.38
N THR D 116 -5.38 -11.08 -7.14
CA THR D 116 -5.79 -12.40 -6.69
C THR D 116 -4.76 -13.46 -7.04
N MET D 117 -4.33 -14.23 -6.04
CA MET D 117 -3.48 -15.39 -6.24
C MET D 117 -4.06 -16.55 -5.48
N ASN D 118 -3.78 -17.76 -5.95
CA ASN D 118 -4.34 -18.96 -5.35
C ASN D 118 -3.22 -19.83 -4.82
N PHE D 119 -3.56 -20.62 -3.79
CA PHE D 119 -2.69 -21.71 -3.36
C PHE D 119 -3.57 -22.85 -2.89
N SER D 120 -3.00 -24.04 -2.89
CA SER D 120 -3.79 -25.25 -2.69
C SER D 120 -3.25 -26.08 -1.55
N PRO D 121 -3.72 -25.86 -0.34
CA PRO D 121 -3.34 -26.73 0.79
C PRO D 121 -4.24 -27.95 0.82
N TYR D 122 -4.19 -28.76 1.89
CA TYR D 122 -5.15 -29.84 1.99
C TYR D 122 -5.62 -30.00 3.42
N LEU D 123 -6.80 -30.58 3.56
CA LEU D 123 -7.39 -30.89 4.85
C LEU D 123 -7.23 -32.39 5.07
N GLU D 124 -6.61 -32.77 6.18
CA GLU D 124 -6.53 -34.18 6.56
C GLU D 124 -7.56 -34.44 7.64
N VAL D 125 -8.45 -35.40 7.40
CA VAL D 125 -9.45 -35.83 8.36
C VAL D 125 -9.10 -37.24 8.77
N GLN D 126 -8.92 -37.46 10.08
CA GLN D 126 -8.52 -38.77 10.59
C GLN D 126 -9.53 -39.30 11.59
#